data_1T6Z
#
_entry.id   1T6Z
#
_cell.length_a   66.535
_cell.length_b   81.943
_cell.length_c   66.709
_cell.angle_alpha   90.00
_cell.angle_beta   116.96
_cell.angle_gamma   90.00
#
_symmetry.space_group_name_H-M   'P 1 21 1'
#
loop_
_entity.id
_entity.type
_entity.pdbx_description
1 polymer 'riboflavin kinase/FMN adenylyltransferase'
2 non-polymer RIBOFLAVIN
3 water water
#
_entity_poly.entity_id   1
_entity_poly.type   'polypeptide(L)'
_entity_poly.pdbx_seq_one_letter_code
;MVVSIGVFDGVHIGHQKVLRTMKEIAFFRKDDSLIYTISYPPEYFLPDFPGLLMTVESRVEMLSRYARTVVLDFFRIKDL
TPEGFVERYLSGVSAVVVGRDFRFGKNASGNASFLRKKGVEVYEIEDVVVQGKRVSSSLIRNLVQEGRVEEIPAYLGRYF
EIEGIVHKDREFGRKLGFPTANIDRGNEKLVDLKRGVYLVRVHLPDGKKKFGVMNVGFRPTVGDARNVKYEVYILDFEGD
LYGQRLKLEVLKFMRDEKKFDSIEELKAAIDQDVKSARNMIDDIINSKFEKEG
;
_entity_poly.pdbx_strand_id   A,B
#
# COMPACT_ATOMS: atom_id res chain seq x y z
N VAL A 2 -27.58 12.35 20.13
CA VAL A 2 -26.44 12.71 19.23
C VAL A 2 -25.81 11.41 18.71
N VAL A 3 -25.40 11.44 17.45
CA VAL A 3 -24.84 10.25 16.81
C VAL A 3 -23.46 10.42 16.19
N SER A 4 -22.48 9.60 16.57
CA SER A 4 -21.21 9.72 15.87
C SER A 4 -21.18 8.62 14.79
N ILE A 5 -20.60 8.95 13.65
CA ILE A 5 -20.57 8.02 12.54
C ILE A 5 -19.20 7.84 11.88
N GLY A 6 -18.79 6.58 11.74
CA GLY A 6 -17.53 6.30 11.10
C GLY A 6 -17.25 4.82 11.11
N VAL A 7 -16.08 4.45 10.59
CA VAL A 7 -15.69 3.04 10.60
C VAL A 7 -15.08 2.72 11.94
N PHE A 8 -14.19 3.59 12.42
CA PHE A 8 -13.53 3.41 13.73
C PHE A 8 -12.67 2.15 13.88
N ASP A 9 -12.14 1.64 12.78
CA ASP A 9 -11.30 0.43 12.78
C ASP A 9 -10.07 0.69 13.63
N GLY A 10 -9.91 -0.09 14.69
CA GLY A 10 -8.78 0.10 15.57
C GLY A 10 -9.20 0.93 16.78
N VAL A 11 -10.10 1.88 16.54
CA VAL A 11 -10.58 2.78 17.59
C VAL A 11 -9.32 3.41 18.19
N HIS A 12 -8.55 4.02 17.30
CA HIS A 12 -7.30 4.66 17.68
C HIS A 12 -7.62 5.98 18.38
N ILE A 13 -6.56 6.65 18.85
CA ILE A 13 -6.73 7.89 19.59
C ILE A 13 -7.47 8.98 18.85
N GLY A 14 -7.44 8.98 17.53
CA GLY A 14 -8.18 9.99 16.81
C GLY A 14 -9.67 9.65 16.80
N HIS A 15 -9.99 8.40 17.12
CA HIS A 15 -11.37 7.95 17.15
C HIS A 15 -11.90 8.21 18.55
N GLN A 16 -11.01 8.00 19.52
CA GLN A 16 -11.36 8.19 20.91
C GLN A 16 -11.69 9.67 21.04
N LYS A 17 -11.07 10.48 20.20
CA LYS A 17 -11.30 11.92 20.20
C LYS A 17 -12.79 12.14 19.84
N VAL A 18 -13.15 11.72 18.64
CA VAL A 18 -14.52 11.82 18.16
C VAL A 18 -15.54 11.33 19.20
N LEU A 19 -15.28 10.20 19.84
CA LEU A 19 -16.19 9.63 20.80
C LEU A 19 -16.22 10.29 22.15
N ARG A 20 -15.16 10.99 22.53
CA ARG A 20 -15.21 11.64 23.82
C ARG A 20 -15.93 12.98 23.63
N THR A 21 -15.83 13.53 22.43
CA THR A 21 -16.50 14.77 22.12
C THR A 21 -18.01 14.50 21.95
N MET A 22 -18.34 13.30 21.49
CA MET A 22 -19.74 12.90 21.31
C MET A 22 -20.39 12.93 22.69
N LYS A 23 -19.87 12.12 23.62
CA LYS A 23 -20.42 12.08 24.96
C LYS A 23 -20.54 13.44 25.59
N GLU A 24 -19.57 14.31 25.34
CA GLU A 24 -19.61 15.63 25.92
C GLU A 24 -20.83 16.33 25.34
N ILE A 25 -20.87 16.40 24.02
CA ILE A 25 -21.93 17.03 23.28
C ILE A 25 -23.30 16.50 23.65
N ALA A 26 -23.38 15.22 23.95
CA ALA A 26 -24.62 14.58 24.30
C ALA A 26 -25.05 15.03 25.68
N PHE A 27 -24.06 15.40 26.49
CA PHE A 27 -24.36 15.83 27.84
C PHE A 27 -24.93 17.26 27.85
N PHE A 28 -24.35 18.16 27.07
CA PHE A 28 -24.85 19.52 27.07
C PHE A 28 -26.06 19.76 26.22
N ARG A 29 -26.45 18.73 25.45
CA ARG A 29 -27.62 18.81 24.59
C ARG A 29 -28.76 18.07 25.26
N LYS A 30 -28.45 17.40 26.37
CA LYS A 30 -29.45 16.62 27.08
C LYS A 30 -30.02 15.61 26.08
N ASP A 31 -29.09 14.87 25.47
CA ASP A 31 -29.43 13.86 24.48
C ASP A 31 -28.72 12.53 24.78
N ASP A 32 -29.21 11.46 24.16
CA ASP A 32 -28.58 10.15 24.33
C ASP A 32 -27.37 10.05 23.40
N SER A 33 -26.56 9.02 23.62
CA SER A 33 -25.39 8.78 22.83
C SER A 33 -25.46 7.49 22.03
N LEU A 34 -25.19 7.60 20.73
CA LEU A 34 -25.21 6.47 19.83
C LEU A 34 -24.01 6.45 18.84
N ILE A 35 -23.30 5.31 18.79
CA ILE A 35 -22.20 5.18 17.84
C ILE A 35 -22.62 4.34 16.60
N TYR A 36 -22.53 4.92 15.42
CA TYR A 36 -22.81 4.17 14.19
C TYR A 36 -21.47 3.81 13.56
N THR A 37 -21.13 2.54 13.65
CA THR A 37 -19.88 2.04 13.06
C THR A 37 -20.17 1.32 11.75
N ILE A 38 -19.71 1.90 10.66
CA ILE A 38 -19.85 1.35 9.32
C ILE A 38 -18.91 0.13 9.27
N SER A 39 -19.48 -1.04 9.03
CA SER A 39 -18.74 -2.32 8.99
C SER A 39 -17.42 -2.30 8.22
N TYR A 40 -17.46 -1.85 6.96
CA TYR A 40 -16.24 -1.82 6.16
C TYR A 40 -16.14 -0.50 5.42
N PRO A 41 -14.90 0.01 5.24
CA PRO A 41 -14.70 1.25 4.52
C PRO A 41 -14.77 0.85 3.07
N PRO A 42 -14.92 1.80 2.16
CA PRO A 42 -15.01 1.50 0.72
C PRO A 42 -13.76 0.77 0.20
N GLU A 43 -12.60 1.19 0.68
CA GLU A 43 -11.32 0.63 0.27
C GLU A 43 -11.17 -0.84 0.63
N TYR A 44 -11.93 -1.31 1.60
CA TYR A 44 -11.86 -2.69 2.03
C TYR A 44 -12.07 -3.63 0.86
N PHE A 45 -12.72 -3.15 -0.17
CA PHE A 45 -13.00 -4.04 -1.28
C PHE A 45 -11.98 -3.99 -2.41
N LEU A 46 -11.24 -2.90 -2.50
CA LEU A 46 -10.22 -2.76 -3.53
C LEU A 46 -9.09 -3.76 -3.23
N PRO A 47 -8.48 -4.35 -4.27
CA PRO A 47 -7.39 -5.35 -4.24
C PRO A 47 -6.16 -5.11 -3.34
N ASP A 48 -5.76 -3.87 -3.15
CA ASP A 48 -4.59 -3.57 -2.34
C ASP A 48 -4.90 -3.11 -0.90
N PHE A 49 -6.07 -3.44 -0.39
CA PHE A 49 -6.42 -3.04 0.96
C PHE A 49 -5.54 -3.80 1.94
N PRO A 50 -4.78 -3.08 2.77
CA PRO A 50 -3.91 -3.76 3.73
C PRO A 50 -4.71 -4.73 4.62
N GLY A 51 -5.94 -4.32 4.95
CA GLY A 51 -6.79 -5.12 5.81
C GLY A 51 -7.09 -4.37 7.10
N LEU A 52 -8.17 -4.73 7.78
CA LEU A 52 -8.55 -4.05 9.02
C LEU A 52 -7.67 -4.46 10.18
N LEU A 53 -7.44 -3.51 11.08
CA LEU A 53 -6.64 -3.73 12.29
C LEU A 53 -7.30 -4.78 13.21
N MET A 54 -8.62 -4.93 13.10
CA MET A 54 -9.34 -5.86 13.96
C MET A 54 -10.62 -6.32 13.29
N THR A 55 -11.25 -7.36 13.84
CA THR A 55 -12.52 -7.83 13.31
C THR A 55 -13.60 -6.79 13.69
N VAL A 56 -14.68 -6.73 12.94
CA VAL A 56 -15.75 -5.81 13.25
C VAL A 56 -16.26 -6.13 14.64
N GLU A 57 -16.33 -7.42 14.97
CA GLU A 57 -16.82 -7.81 16.28
C GLU A 57 -15.97 -7.22 17.42
N SER A 58 -14.65 -7.26 17.26
CA SER A 58 -13.74 -6.72 18.29
C SER A 58 -13.90 -5.20 18.40
N ARG A 59 -13.97 -4.55 17.25
CA ARG A 59 -14.16 -3.11 17.18
C ARG A 59 -15.43 -2.69 17.93
N VAL A 60 -16.48 -3.48 17.78
CA VAL A 60 -17.75 -3.18 18.41
C VAL A 60 -17.61 -3.33 19.89
N GLU A 61 -16.84 -4.32 20.31
CA GLU A 61 -16.64 -4.52 21.73
C GLU A 61 -16.01 -3.29 22.35
N MET A 62 -15.09 -2.66 21.63
CA MET A 62 -14.44 -1.48 22.14
C MET A 62 -15.30 -0.24 22.03
N LEU A 63 -16.02 -0.09 20.93
CA LEU A 63 -16.87 1.06 20.76
C LEU A 63 -17.94 1.09 21.86
N SER A 64 -18.46 -0.09 22.19
CA SER A 64 -19.49 -0.27 23.19
C SER A 64 -19.01 0.13 24.56
N ARG A 65 -17.72 0.35 24.69
CA ARG A 65 -17.22 0.74 26.00
C ARG A 65 -17.52 2.21 26.19
N TYR A 66 -17.85 2.90 25.09
CA TYR A 66 -18.19 4.33 25.12
C TYR A 66 -19.71 4.60 25.08
N ALA A 67 -20.40 4.05 24.09
CA ALA A 67 -21.83 4.24 23.95
C ALA A 67 -22.47 3.07 23.23
N ARG A 68 -23.79 3.01 23.33
CA ARG A 68 -24.55 1.98 22.64
C ARG A 68 -23.98 2.02 21.23
N THR A 69 -23.66 0.85 20.70
CA THR A 69 -23.11 0.79 19.36
C THR A 69 -23.95 0.00 18.36
N VAL A 70 -24.18 0.63 17.22
CA VAL A 70 -24.95 0.04 16.15
C VAL A 70 -24.06 -0.12 14.90
N VAL A 71 -24.06 -1.32 14.31
CA VAL A 71 -23.29 -1.58 13.11
C VAL A 71 -24.08 -1.23 11.88
N LEU A 72 -23.56 -0.34 11.04
CA LEU A 72 -24.23 0.00 9.80
C LEU A 72 -23.56 -0.93 8.80
N ASP A 73 -24.35 -1.72 8.08
CA ASP A 73 -23.82 -2.68 7.11
C ASP A 73 -23.51 -2.02 5.80
N PHE A 74 -22.24 -2.09 5.41
CA PHE A 74 -21.79 -1.52 4.16
C PHE A 74 -22.67 -1.95 2.98
N PHE A 75 -22.99 -3.22 2.94
CA PHE A 75 -23.80 -3.74 1.85
C PHE A 75 -25.17 -3.06 1.82
N ARG A 76 -25.75 -2.88 3.01
CA ARG A 76 -27.05 -2.24 3.16
C ARG A 76 -27.08 -0.72 2.95
N ILE A 77 -25.95 -0.02 3.02
CA ILE A 77 -25.99 1.44 2.86
C ILE A 77 -25.21 2.01 1.67
N LYS A 78 -24.36 1.21 1.03
CA LYS A 78 -23.58 1.75 -0.08
C LYS A 78 -24.45 2.32 -1.20
N ASP A 79 -25.62 1.73 -1.44
CA ASP A 79 -26.46 2.23 -2.54
C ASP A 79 -27.46 3.36 -2.21
N LEU A 80 -27.74 3.58 -0.93
CA LEU A 80 -28.67 4.63 -0.55
C LEU A 80 -28.27 6.02 -1.03
N THR A 81 -29.24 6.89 -1.21
CA THR A 81 -28.92 8.26 -1.59
C THR A 81 -28.69 8.96 -0.26
N PRO A 82 -28.19 10.20 -0.28
CA PRO A 82 -27.97 10.90 0.97
C PRO A 82 -29.30 10.98 1.71
N GLU A 83 -30.35 11.36 0.97
CA GLU A 83 -31.68 11.48 1.55
C GLU A 83 -32.12 10.19 2.22
N GLY A 84 -32.02 9.10 1.47
CA GLY A 84 -32.41 7.80 1.99
C GLY A 84 -31.64 7.44 3.24
N PHE A 85 -30.36 7.80 3.27
CA PHE A 85 -29.53 7.49 4.42
C PHE A 85 -30.08 8.16 5.67
N VAL A 86 -30.31 9.47 5.55
CA VAL A 86 -30.83 10.28 6.64
C VAL A 86 -32.20 9.76 7.08
N GLU A 87 -33.07 9.51 6.11
CA GLU A 87 -34.41 9.00 6.43
C GLU A 87 -34.39 7.68 7.18
N ARG A 88 -33.49 6.79 6.79
CA ARG A 88 -33.46 5.48 7.44
C ARG A 88 -32.62 5.38 8.71
N TYR A 89 -31.56 6.18 8.79
CA TYR A 89 -30.67 6.07 9.93
C TYR A 89 -30.61 7.22 10.88
N LEU A 90 -31.10 8.37 10.46
CA LEU A 90 -31.06 9.56 11.29
C LEU A 90 -32.40 10.27 11.53
N SER A 91 -33.44 9.52 11.87
CA SER A 91 -34.73 10.15 12.15
C SER A 91 -34.72 10.54 13.61
N GLY A 92 -35.10 11.78 13.87
CA GLY A 92 -35.10 12.27 15.24
C GLY A 92 -33.69 12.52 15.74
N VAL A 93 -32.72 12.59 14.83
CA VAL A 93 -31.34 12.84 15.23
C VAL A 93 -31.07 14.31 14.95
N SER A 94 -30.77 15.05 16.01
CA SER A 94 -30.53 16.47 15.84
C SER A 94 -29.07 16.78 15.52
N ALA A 95 -28.17 15.91 15.96
CA ALA A 95 -26.75 16.12 15.70
C ALA A 95 -25.92 14.85 15.53
N VAL A 96 -25.01 14.89 14.55
CA VAL A 96 -24.09 13.76 14.33
C VAL A 96 -22.68 14.31 14.50
N VAL A 97 -21.80 13.43 14.98
CA VAL A 97 -20.42 13.80 15.19
C VAL A 97 -19.62 12.92 14.24
N VAL A 98 -18.82 13.55 13.39
CA VAL A 98 -18.02 12.81 12.42
C VAL A 98 -16.64 13.44 12.15
N GLY A 99 -15.73 12.65 11.60
CA GLY A 99 -14.40 13.17 11.29
C GLY A 99 -14.49 14.10 10.08
N ARG A 100 -13.41 14.78 9.79
CA ARG A 100 -13.36 15.68 8.65
C ARG A 100 -13.46 14.88 7.34
N ASP A 101 -13.91 15.53 6.27
CA ASP A 101 -14.04 14.84 5.00
C ASP A 101 -15.00 13.62 5.12
N PHE A 102 -16.04 13.74 5.93
CA PHE A 102 -16.97 12.64 6.10
C PHE A 102 -17.89 12.58 4.89
N ARG A 103 -18.11 11.37 4.41
CA ARG A 103 -18.95 11.13 3.23
C ARG A 103 -19.85 9.91 3.43
N PHE A 104 -20.95 9.90 2.71
CA PHE A 104 -21.88 8.78 2.78
C PHE A 104 -22.79 8.75 1.57
N GLY A 105 -23.36 7.58 1.32
CA GLY A 105 -24.26 7.41 0.21
C GLY A 105 -23.61 7.12 -1.12
N LYS A 106 -24.42 6.68 -2.08
CA LYS A 106 -23.94 6.37 -3.42
C LYS A 106 -23.16 7.55 -3.99
N ASN A 107 -21.92 7.28 -4.42
CA ASN A 107 -21.02 8.27 -5.01
C ASN A 107 -20.50 9.31 -4.01
N ALA A 108 -20.51 8.96 -2.72
CA ALA A 108 -20.08 9.87 -1.66
C ALA A 108 -20.66 11.27 -1.92
N SER A 109 -21.94 11.33 -2.26
CA SER A 109 -22.58 12.60 -2.51
C SER A 109 -23.17 13.19 -1.24
N GLY A 110 -23.20 12.41 -0.17
CA GLY A 110 -23.74 12.90 1.07
C GLY A 110 -22.60 13.31 1.99
N ASN A 111 -22.50 14.59 2.29
CA ASN A 111 -21.44 15.06 3.18
C ASN A 111 -22.06 15.78 4.37
N ALA A 112 -21.21 16.40 5.19
CA ALA A 112 -21.68 17.10 6.38
C ALA A 112 -22.49 18.31 6.00
N SER A 113 -22.14 18.93 4.88
CA SER A 113 -22.86 20.10 4.42
C SER A 113 -24.30 19.70 4.13
N PHE A 114 -24.48 18.65 3.35
CA PHE A 114 -25.81 18.15 3.00
C PHE A 114 -26.61 17.81 4.25
N LEU A 115 -25.93 17.34 5.28
CA LEU A 115 -26.63 16.96 6.50
C LEU A 115 -27.19 18.19 7.19
N ARG A 116 -26.46 19.31 7.10
CA ARG A 116 -26.91 20.54 7.71
C ARG A 116 -28.12 21.12 6.99
N LYS A 117 -28.15 20.96 5.67
CA LYS A 117 -29.27 21.45 4.87
C LYS A 117 -30.56 20.77 5.28
N LYS A 118 -30.44 19.65 5.98
CA LYS A 118 -31.57 18.87 6.47
C LYS A 118 -31.74 19.20 7.95
N GLY A 119 -31.18 20.32 8.36
CA GLY A 119 -31.29 20.74 9.74
C GLY A 119 -30.69 19.83 10.79
N VAL A 120 -29.54 19.25 10.49
CA VAL A 120 -28.87 18.39 11.44
C VAL A 120 -27.54 19.06 11.69
N GLU A 121 -27.26 19.40 12.94
CA GLU A 121 -26.00 20.04 13.26
C GLU A 121 -24.92 18.96 13.19
N VAL A 122 -23.81 19.31 12.56
CA VAL A 122 -22.69 18.41 12.38
C VAL A 122 -21.44 18.90 13.09
N TYR A 123 -20.97 18.11 14.06
CA TYR A 123 -19.77 18.46 14.78
C TYR A 123 -18.58 17.78 14.10
N GLU A 124 -17.94 18.49 13.19
CA GLU A 124 -16.79 17.94 12.49
C GLU A 124 -15.55 17.97 13.38
N ILE A 125 -15.15 16.79 13.85
CA ILE A 125 -13.98 16.66 14.71
C ILE A 125 -12.67 16.67 13.92
N GLU A 126 -11.70 17.46 14.37
CA GLU A 126 -10.41 17.56 13.70
C GLU A 126 -9.55 16.34 14.04
N ASP A 127 -8.72 15.95 13.08
CA ASP A 127 -7.81 14.83 13.25
C ASP A 127 -6.79 15.12 14.34
N VAL A 128 -6.40 14.06 15.05
CA VAL A 128 -5.40 14.20 16.09
C VAL A 128 -4.06 13.92 15.44
N VAL A 129 -3.08 14.77 15.68
CA VAL A 129 -1.79 14.53 15.08
C VAL A 129 -0.81 14.06 16.13
N VAL A 130 -0.02 13.06 15.77
CA VAL A 130 1.00 12.54 16.65
C VAL A 130 2.28 12.64 15.86
N GLN A 131 3.28 13.30 16.45
CA GLN A 131 4.58 13.45 15.80
C GLN A 131 4.39 13.91 14.36
N GLY A 132 3.76 15.07 14.16
CA GLY A 132 3.58 15.56 12.81
C GLY A 132 2.73 14.73 11.88
N LYS A 133 2.16 13.64 12.38
CA LYS A 133 1.30 12.79 11.54
C LYS A 133 -0.15 12.70 12.08
N ARG A 134 -1.10 12.76 11.16
CA ARG A 134 -2.52 12.68 11.51
C ARG A 134 -2.86 11.23 11.80
N VAL A 135 -3.30 10.94 13.01
CA VAL A 135 -3.65 9.58 13.37
C VAL A 135 -4.72 9.04 12.39
N SER A 136 -4.65 7.74 12.11
CA SER A 136 -5.62 7.13 11.22
C SER A 136 -5.40 5.62 11.18
N SER A 137 -6.33 4.93 10.54
CA SER A 137 -6.25 3.48 10.40
C SER A 137 -5.20 3.17 9.33
N SER A 138 -5.16 3.96 8.26
CA SER A 138 -4.17 3.75 7.22
C SER A 138 -2.77 3.73 7.82
N LEU A 139 -2.37 4.84 8.44
CA LEU A 139 -1.05 4.96 9.06
C LEU A 139 -0.72 3.78 9.96
N ILE A 140 -1.64 3.47 10.87
CA ILE A 140 -1.44 2.37 11.79
C ILE A 140 -1.39 1.04 11.03
N ARG A 141 -2.19 0.95 9.98
CA ARG A 141 -2.21 -0.26 9.18
C ARG A 141 -0.85 -0.44 8.47
N ASN A 142 -0.24 0.67 8.06
CA ASN A 142 1.06 0.62 7.39
C ASN A 142 2.21 0.19 8.32
N LEU A 143 2.13 0.59 9.59
CA LEU A 143 3.15 0.23 10.57
C LEU A 143 3.08 -1.27 10.83
N VAL A 144 1.87 -1.79 10.91
CA VAL A 144 1.70 -3.20 11.17
C VAL A 144 2.40 -3.96 10.07
N GLN A 145 2.23 -3.50 8.82
CA GLN A 145 2.85 -4.13 7.68
C GLN A 145 4.37 -3.96 7.69
N GLU A 146 4.83 -2.79 8.14
CA GLU A 146 6.25 -2.51 8.21
C GLU A 146 6.84 -3.04 9.51
N GLY A 147 6.04 -3.81 10.22
CA GLY A 147 6.48 -4.40 11.47
C GLY A 147 6.91 -3.42 12.54
N ARG A 148 6.69 -2.13 12.28
CA ARG A 148 7.05 -1.07 13.21
C ARG A 148 6.06 -1.06 14.35
N VAL A 149 6.03 -2.16 15.11
CA VAL A 149 5.10 -2.32 16.21
C VAL A 149 5.34 -1.49 17.46
N GLU A 150 6.59 -1.15 17.74
CA GLU A 150 6.95 -0.35 18.92
C GLU A 150 6.36 1.04 18.77
N GLU A 151 6.24 1.49 17.52
CA GLU A 151 5.74 2.82 17.19
C GLU A 151 4.21 3.00 17.23
N ILE A 152 3.49 1.91 17.42
CA ILE A 152 2.05 1.97 17.39
C ILE A 152 1.30 2.69 18.50
N PRO A 153 1.56 2.36 19.77
CA PRO A 153 0.85 3.03 20.86
C PRO A 153 0.59 4.54 20.70
N ALA A 154 1.58 5.28 20.22
CA ALA A 154 1.41 6.72 20.05
C ALA A 154 0.24 7.06 19.14
N TYR A 155 -0.22 6.08 18.36
CA TYR A 155 -1.32 6.29 17.41
C TYR A 155 -2.58 5.50 17.75
N LEU A 156 -2.40 4.31 18.31
CA LEU A 156 -3.51 3.46 18.63
C LEU A 156 -4.01 3.52 20.06
N GLY A 157 -3.20 4.07 20.97
CA GLY A 157 -3.61 4.12 22.38
C GLY A 157 -3.26 2.85 23.13
N ARG A 158 -2.74 1.86 22.41
CA ARG A 158 -2.32 0.59 23.00
C ARG A 158 -1.41 -0.16 21.99
N TYR A 159 -1.05 -1.40 22.28
CA TYR A 159 -0.25 -2.20 21.38
C TYR A 159 -1.19 -2.88 20.37
N PHE A 160 -0.73 -3.00 19.12
CA PHE A 160 -1.50 -3.68 18.07
C PHE A 160 -1.71 -5.10 18.58
N GLU A 161 -2.90 -5.65 18.32
CA GLU A 161 -3.21 -6.98 18.80
C GLU A 161 -3.58 -7.98 17.69
N ILE A 162 -3.27 -9.25 17.94
CA ILE A 162 -3.60 -10.34 17.04
C ILE A 162 -4.51 -11.18 17.94
N GLU A 163 -5.69 -11.52 17.42
CA GLU A 163 -6.70 -12.29 18.17
C GLU A 163 -7.22 -13.42 17.29
N GLY A 164 -7.39 -14.59 17.88
CA GLY A 164 -7.89 -15.74 17.14
C GLY A 164 -8.04 -17.00 17.99
N ILE A 165 -8.27 -18.14 17.35
CA ILE A 165 -8.45 -19.38 18.10
C ILE A 165 -7.31 -20.38 17.90
N VAL A 166 -7.15 -21.25 18.90
CA VAL A 166 -6.14 -22.30 18.92
C VAL A 166 -4.79 -21.79 19.40
N PHE A 178 7.17 -26.48 18.96
CA PHE A 178 8.12 -26.17 20.03
C PHE A 178 7.52 -26.22 21.45
N PRO A 179 6.18 -26.25 21.59
CA PRO A 179 5.13 -26.24 20.56
C PRO A 179 4.72 -24.80 20.22
N THR A 180 3.85 -24.67 19.24
CA THR A 180 3.36 -23.37 18.85
C THR A 180 1.88 -23.48 18.61
N ALA A 181 1.13 -22.52 19.15
CA ALA A 181 -0.31 -22.49 18.99
C ALA A 181 -0.57 -21.61 17.78
N ASN A 182 -1.21 -22.20 16.77
CA ASN A 182 -1.52 -21.49 15.54
C ASN A 182 -2.78 -20.67 15.79
N ILE A 183 -2.66 -19.36 15.61
CA ILE A 183 -3.77 -18.45 15.81
C ILE A 183 -4.57 -18.30 14.53
N ASP A 184 -5.84 -18.65 14.59
CA ASP A 184 -6.72 -18.49 13.44
C ASP A 184 -7.48 -17.18 13.70
N ARG A 185 -7.12 -16.12 12.98
CA ARG A 185 -7.74 -14.81 13.14
C ARG A 185 -9.15 -14.66 12.59
N GLY A 186 -9.63 -15.67 11.89
CA GLY A 186 -10.97 -15.58 11.33
C GLY A 186 -10.99 -15.39 9.82
N ASN A 187 -12.18 -15.07 9.31
CA ASN A 187 -12.36 -14.90 7.88
C ASN A 187 -12.41 -13.46 7.42
N GLU A 188 -12.26 -12.53 8.36
CA GLU A 188 -12.30 -11.13 8.01
C GLU A 188 -10.99 -10.83 7.29
N LYS A 189 -10.93 -9.75 6.54
CA LYS A 189 -9.70 -9.37 5.86
C LYS A 189 -8.87 -8.50 6.81
N LEU A 190 -8.06 -9.10 7.66
CA LEU A 190 -7.24 -8.32 8.60
C LEU A 190 -5.83 -8.03 8.08
N VAL A 191 -5.27 -6.88 8.47
CA VAL A 191 -3.93 -6.47 8.07
C VAL A 191 -2.91 -7.50 8.58
N ASP A 192 -1.76 -7.59 7.92
CA ASP A 192 -0.73 -8.56 8.31
C ASP A 192 0.57 -7.90 8.71
N LEU A 193 1.20 -8.46 9.73
CA LEU A 193 2.49 -7.96 10.20
C LEU A 193 3.60 -8.35 9.20
N LYS A 194 4.68 -7.59 9.22
CA LYS A 194 5.82 -7.88 8.39
C LYS A 194 6.14 -9.31 8.79
N ARG A 195 6.48 -10.15 7.82
CA ARG A 195 6.81 -11.54 8.16
C ARG A 195 8.01 -11.46 9.08
N GLY A 196 8.07 -12.34 10.09
CA GLY A 196 9.17 -12.29 11.02
C GLY A 196 8.82 -12.78 12.41
N VAL A 197 9.71 -12.51 13.37
CA VAL A 197 9.51 -12.94 14.74
C VAL A 197 9.26 -11.79 15.68
N TYR A 198 8.31 -11.98 16.59
CA TYR A 198 7.93 -10.94 17.53
C TYR A 198 7.85 -11.39 18.97
N LEU A 199 8.04 -10.40 19.85
CA LEU A 199 7.92 -10.59 21.29
C LEU A 199 6.46 -10.17 21.52
N VAL A 200 5.67 -11.04 22.12
CA VAL A 200 4.28 -10.70 22.34
C VAL A 200 3.86 -11.00 23.76
N ARG A 201 2.82 -10.31 24.21
CA ARG A 201 2.28 -10.57 25.53
C ARG A 201 1.08 -11.44 25.21
N VAL A 202 0.94 -12.55 25.93
CA VAL A 202 -0.17 -13.45 25.66
C VAL A 202 -1.27 -13.43 26.72
N HIS A 203 -2.48 -13.05 26.33
CA HIS A 203 -3.56 -13.08 27.30
C HIS A 203 -4.25 -14.44 27.12
N LEU A 204 -4.05 -15.32 28.09
CA LEU A 204 -4.68 -16.64 28.05
C LEU A 204 -6.04 -16.46 28.73
N PRO A 205 -6.84 -17.54 28.76
CA PRO A 205 -8.15 -17.45 29.42
C PRO A 205 -7.94 -17.49 30.95
N ASP A 206 -8.85 -16.89 31.69
CA ASP A 206 -8.76 -16.84 33.16
C ASP A 206 -7.79 -15.74 33.58
N GLY A 207 -7.85 -14.63 32.86
CA GLY A 207 -6.99 -13.48 33.15
C GLY A 207 -5.50 -13.73 33.06
N LYS A 208 -5.10 -15.00 32.88
CA LYS A 208 -3.69 -15.37 32.80
C LYS A 208 -2.93 -14.51 31.80
N LYS A 209 -1.67 -14.20 32.12
CA LYS A 209 -0.82 -13.38 31.26
C LYS A 209 0.61 -13.88 31.18
N LYS A 210 1.04 -14.26 29.99
CA LYS A 210 2.38 -14.78 29.81
C LYS A 210 2.98 -14.16 28.57
N PHE A 211 4.32 -14.09 28.52
CA PHE A 211 5.01 -13.55 27.36
C PHE A 211 5.12 -14.64 26.30
N GLY A 212 5.37 -14.23 25.07
CA GLY A 212 5.47 -15.23 24.03
C GLY A 212 6.32 -14.73 22.90
N VAL A 213 6.83 -15.67 22.11
CA VAL A 213 7.63 -15.32 20.95
C VAL A 213 6.74 -15.75 19.81
N MET A 214 6.41 -14.81 18.94
CA MET A 214 5.53 -15.13 17.84
C MET A 214 6.19 -14.96 16.49
N ASN A 215 5.99 -15.96 15.64
CA ASN A 215 6.56 -15.89 14.31
C ASN A 215 5.44 -15.71 13.31
N VAL A 216 5.70 -14.86 12.33
CA VAL A 216 4.75 -14.55 11.27
C VAL A 216 5.41 -14.82 9.91
N GLY A 217 4.83 -15.74 9.14
CA GLY A 217 5.36 -16.05 7.83
C GLY A 217 4.32 -16.66 6.92
N PHE A 218 4.64 -16.76 5.63
CA PHE A 218 3.74 -17.33 4.64
C PHE A 218 3.12 -18.69 4.99
N ARG A 219 1.82 -18.80 4.76
CA ARG A 219 1.07 -20.02 5.00
C ARG A 219 1.24 -20.58 6.42
N ARG A 226 0.72 -15.11 -0.49
CA ARG A 226 -0.72 -15.27 -0.32
C ARG A 226 -1.12 -15.23 1.17
N ASN A 227 -1.35 -16.40 1.76
CA ASN A 227 -1.75 -16.52 3.15
C ASN A 227 -0.62 -16.25 4.17
N VAL A 228 -1.00 -15.98 5.43
CA VAL A 228 -0.04 -15.71 6.50
C VAL A 228 -0.37 -16.52 7.76
N LYS A 229 0.65 -17.06 8.41
CA LYS A 229 0.42 -17.85 9.61
C LYS A 229 0.97 -17.20 10.89
N TYR A 230 0.21 -17.38 11.97
CA TYR A 230 0.56 -16.81 13.26
C TYR A 230 0.74 -17.90 14.28
N GLU A 231 1.99 -18.15 14.66
CA GLU A 231 2.30 -19.17 15.65
C GLU A 231 3.06 -18.57 16.80
N VAL A 232 2.67 -18.96 18.02
CA VAL A 232 3.34 -18.42 19.18
C VAL A 232 3.83 -19.49 20.17
N TYR A 233 5.05 -19.26 20.66
CA TYR A 233 5.65 -20.12 21.66
C TYR A 233 5.46 -19.33 22.94
N ILE A 234 4.56 -19.81 23.79
CA ILE A 234 4.30 -19.10 25.03
C ILE A 234 5.33 -19.54 26.07
N LEU A 235 5.88 -18.58 26.80
CA LEU A 235 6.89 -18.87 27.81
C LEU A 235 6.31 -19.10 29.20
N ASP A 236 6.83 -20.11 29.90
CA ASP A 236 6.39 -20.47 31.24
C ASP A 236 4.96 -21.01 31.19
N PHE A 237 4.71 -21.93 30.27
CA PHE A 237 3.37 -22.46 30.17
C PHE A 237 3.25 -23.65 29.23
N GLU A 238 2.84 -24.80 29.73
CA GLU A 238 2.64 -25.92 28.83
C GLU A 238 1.15 -25.86 28.48
N GLY A 239 0.44 -26.94 28.77
CA GLY A 239 -0.99 -26.99 28.51
C GLY A 239 -1.35 -26.80 27.05
N ASP A 240 -2.62 -26.90 26.71
CA ASP A 240 -2.98 -26.69 25.33
C ASP A 240 -4.21 -25.83 25.21
N LEU A 241 -4.16 -24.89 24.29
CA LEU A 241 -5.27 -23.97 24.12
C LEU A 241 -6.05 -24.33 22.89
N TYR A 242 -5.76 -25.51 22.34
CA TYR A 242 -6.40 -26.01 21.14
C TYR A 242 -7.65 -25.27 20.61
N GLY A 243 -8.70 -25.25 21.41
CA GLY A 243 -9.92 -24.60 20.94
C GLY A 243 -10.16 -23.24 21.53
N GLN A 244 -9.25 -22.78 22.38
CA GLN A 244 -9.41 -21.50 23.03
C GLN A 244 -9.04 -20.28 22.19
N ARG A 245 -9.49 -19.12 22.65
CA ARG A 245 -9.21 -17.86 21.99
C ARG A 245 -8.03 -17.17 22.69
N LEU A 246 -7.16 -16.53 21.91
CA LEU A 246 -6.02 -15.84 22.48
C LEU A 246 -5.95 -14.43 21.97
N LYS A 247 -5.43 -13.54 22.82
CA LYS A 247 -5.27 -12.16 22.43
C LYS A 247 -3.77 -11.90 22.61
N LEU A 248 -3.13 -11.41 21.55
CA LEU A 248 -1.69 -11.16 21.62
C LEU A 248 -1.31 -9.71 21.44
N GLU A 249 -0.53 -9.17 22.37
CA GLU A 249 -0.06 -7.80 22.25
C GLU A 249 1.31 -7.87 21.55
N VAL A 250 1.41 -7.23 20.40
CA VAL A 250 2.67 -7.27 19.66
C VAL A 250 3.58 -6.13 20.14
N LEU A 251 4.44 -6.46 21.09
CA LEU A 251 5.37 -5.51 21.70
C LEU A 251 6.59 -5.13 20.88
N LYS A 252 7.30 -6.12 20.35
CA LYS A 252 8.52 -5.84 19.59
C LYS A 252 8.88 -6.74 18.41
N PHE A 253 9.49 -6.12 17.40
CA PHE A 253 9.95 -6.86 16.23
C PHE A 253 11.39 -7.34 16.56
N MET A 254 11.61 -8.65 16.47
CA MET A 254 12.93 -9.17 16.80
C MET A 254 13.81 -9.41 15.58
N ARG A 255 13.41 -10.33 14.71
CA ARG A 255 14.20 -10.62 13.51
C ARG A 255 13.30 -10.98 12.33
N ASP A 256 13.80 -10.75 11.12
CA ASP A 256 13.04 -11.08 9.91
C ASP A 256 12.94 -12.60 9.76
N GLU A 257 12.09 -13.05 8.84
CA GLU A 257 11.90 -14.48 8.62
C GLU A 257 13.16 -15.09 7.97
N LYS A 258 13.43 -16.37 8.25
CA LYS A 258 14.62 -17.04 7.72
C LYS A 258 14.33 -18.31 6.90
N LYS A 259 15.39 -18.99 6.48
CA LYS A 259 15.29 -20.23 5.69
C LYS A 259 14.34 -21.21 6.36
N GLU A 264 18.39 -28.00 9.21
CA GLU A 264 17.30 -27.62 10.11
C GLU A 264 17.79 -26.96 11.39
N GLU A 265 18.57 -25.89 11.25
CA GLU A 265 19.08 -25.14 12.40
C GLU A 265 18.00 -24.22 12.94
N LEU A 266 16.76 -24.52 12.57
CA LEU A 266 15.62 -23.75 13.01
C LEU A 266 15.73 -23.61 14.52
N LYS A 267 15.54 -24.73 15.22
CA LYS A 267 15.59 -24.81 16.68
C LYS A 267 16.66 -23.91 17.30
N ALA A 268 17.72 -23.65 16.54
CA ALA A 268 18.81 -22.80 17.03
C ALA A 268 18.30 -21.36 17.19
N ALA A 269 17.91 -20.74 16.08
CA ALA A 269 17.40 -19.38 16.10
C ALA A 269 16.17 -19.24 17.01
N ILE A 270 15.24 -20.19 16.87
CA ILE A 270 14.02 -20.18 17.66
C ILE A 270 14.34 -20.62 19.07
N ASP A 271 15.61 -20.43 19.45
CA ASP A 271 16.08 -20.77 20.79
C ASP A 271 16.77 -19.51 21.28
N GLN A 272 17.21 -18.70 20.32
CA GLN A 272 17.87 -17.43 20.62
C GLN A 272 16.80 -16.35 20.67
N ASP A 273 15.72 -16.55 19.93
CA ASP A 273 14.59 -15.61 19.94
C ASP A 273 14.07 -15.74 21.36
N VAL A 274 13.88 -17.00 21.78
CA VAL A 274 13.39 -17.32 23.10
C VAL A 274 14.40 -16.88 24.14
N LYS A 275 15.66 -16.84 23.74
CA LYS A 275 16.72 -16.39 24.63
C LYS A 275 16.62 -14.88 24.75
N SER A 276 16.65 -14.21 23.60
CA SER A 276 16.56 -12.75 23.58
C SER A 276 15.28 -12.31 24.28
N ALA A 277 14.26 -13.16 24.20
CA ALA A 277 12.99 -12.87 24.84
C ALA A 277 13.24 -12.66 26.33
N ARG A 278 13.59 -13.74 27.03
CA ARG A 278 13.84 -13.66 28.47
C ARG A 278 14.66 -12.43 28.81
N ASN A 279 15.61 -12.12 27.92
CA ASN A 279 16.49 -10.97 28.11
C ASN A 279 15.74 -9.67 28.12
N MET A 280 14.91 -9.46 27.11
CA MET A 280 14.13 -8.24 27.05
C MET A 280 13.12 -8.21 28.18
N ILE A 281 12.61 -9.39 28.54
CA ILE A 281 11.63 -9.50 29.60
C ILE A 281 12.22 -9.15 30.96
N ASP A 282 13.39 -9.70 31.26
CA ASP A 282 14.06 -9.43 32.52
C ASP A 282 14.42 -7.95 32.49
N ASP A 283 14.61 -7.39 31.30
CA ASP A 283 14.93 -5.98 31.17
C ASP A 283 13.74 -5.19 31.68
N ILE A 284 12.57 -5.45 31.09
CA ILE A 284 11.34 -4.77 31.48
C ILE A 284 11.09 -4.91 32.97
N ILE A 285 11.44 -6.06 33.52
CA ILE A 285 11.23 -6.30 34.94
C ILE A 285 12.08 -5.42 35.85
N ASN A 286 13.35 -5.24 35.49
CA ASN A 286 14.24 -4.41 36.30
C ASN A 286 13.81 -2.96 36.15
N SER A 287 13.11 -2.65 35.06
CA SER A 287 12.61 -1.31 34.82
C SER A 287 11.49 -1.12 35.85
N LYS A 288 11.76 -1.58 37.08
CA LYS A 288 10.82 -1.52 38.19
C LYS A 288 9.51 -0.81 37.89
N VAL B 2 23.49 -16.63 -9.31
CA VAL B 2 23.06 -16.39 -10.69
C VAL B 2 22.84 -14.89 -10.88
N VAL B 3 23.00 -14.41 -12.10
CA VAL B 3 22.88 -13.00 -12.40
C VAL B 3 21.83 -12.65 -13.44
N SER B 4 21.15 -11.53 -13.25
CA SER B 4 20.14 -11.11 -14.20
C SER B 4 20.61 -9.77 -14.76
N ILE B 5 20.47 -9.55 -16.06
CA ILE B 5 20.95 -8.31 -16.61
C ILE B 5 19.96 -7.66 -17.56
N GLY B 6 19.78 -6.35 -17.41
CA GLY B 6 18.89 -5.61 -18.29
C GLY B 6 18.62 -4.21 -17.77
N VAL B 7 17.84 -3.46 -18.54
CA VAL B 7 17.44 -2.11 -18.15
C VAL B 7 16.28 -2.24 -17.14
N PHE B 8 15.25 -2.98 -17.53
CA PHE B 8 14.10 -3.22 -16.67
C PHE B 8 13.29 -1.98 -16.37
N ASP B 9 13.15 -1.08 -17.35
CA ASP B 9 12.37 0.13 -17.16
C ASP B 9 10.93 -0.23 -16.87
N GLY B 10 10.48 0.09 -15.66
CA GLY B 10 9.10 -0.17 -15.32
C GLY B 10 8.82 -1.56 -14.84
N VAL B 11 9.86 -2.37 -14.70
CA VAL B 11 9.76 -3.76 -14.25
C VAL B 11 8.40 -4.38 -14.63
N HIS B 12 8.11 -4.47 -15.94
CA HIS B 12 6.86 -5.04 -16.41
C HIS B 12 6.86 -6.53 -16.23
N ILE B 13 5.76 -7.18 -16.62
CA ILE B 13 5.66 -8.63 -16.42
C ILE B 13 6.75 -9.45 -17.13
N GLY B 14 7.25 -8.98 -18.27
CA GLY B 14 8.34 -9.68 -18.93
C GLY B 14 9.56 -9.58 -18.00
N HIS B 15 9.88 -8.38 -17.56
CA HIS B 15 10.99 -8.22 -16.61
C HIS B 15 10.81 -9.16 -15.43
N GLN B 16 9.58 -9.26 -14.95
CA GLN B 16 9.37 -10.11 -13.78
C GLN B 16 9.60 -11.59 -14.09
N LYS B 17 9.31 -11.99 -15.33
CA LYS B 17 9.52 -13.38 -15.75
C LYS B 17 11.03 -13.62 -15.66
N VAL B 18 11.80 -12.69 -16.23
CA VAL B 18 13.27 -12.80 -16.16
C VAL B 18 13.74 -12.96 -14.70
N LEU B 19 13.35 -12.03 -13.83
CA LEU B 19 13.75 -12.07 -12.41
C LEU B 19 13.31 -13.29 -11.65
N ARG B 20 12.11 -13.80 -11.92
CA ARG B 20 11.66 -15.03 -11.25
C ARG B 20 12.49 -16.24 -11.70
N THR B 21 12.85 -16.24 -12.98
CA THR B 21 13.68 -17.31 -13.53
C THR B 21 15.00 -17.27 -12.81
N MET B 22 15.61 -16.09 -12.75
CA MET B 22 16.84 -15.93 -12.00
C MET B 22 16.66 -16.48 -10.59
N LYS B 23 15.52 -16.21 -9.96
CA LYS B 23 15.35 -16.74 -8.60
C LYS B 23 15.25 -18.29 -8.54
N GLU B 24 14.49 -18.89 -9.46
CA GLU B 24 14.36 -20.35 -9.47
C GLU B 24 15.73 -20.97 -9.69
N ILE B 25 16.48 -20.44 -10.66
CA ILE B 25 17.79 -20.98 -10.92
C ILE B 25 18.68 -20.83 -9.70
N ALA B 26 18.51 -19.72 -8.96
CA ALA B 26 19.30 -19.50 -7.74
C ALA B 26 18.88 -20.48 -6.66
N PHE B 27 17.59 -20.74 -6.55
CA PHE B 27 17.15 -21.69 -5.54
C PHE B 27 17.67 -23.07 -5.92
N PHE B 28 17.68 -23.36 -7.22
CA PHE B 28 18.13 -24.62 -7.76
C PHE B 28 19.60 -24.90 -7.41
N ARG B 29 20.51 -24.06 -7.90
CA ARG B 29 21.94 -24.24 -7.63
C ARG B 29 22.41 -23.97 -6.21
N LYS B 30 21.53 -23.50 -5.33
CA LYS B 30 21.94 -23.19 -3.96
C LYS B 30 22.98 -22.08 -4.07
N ASP B 31 22.64 -21.07 -4.87
CA ASP B 31 23.49 -19.91 -5.17
C ASP B 31 22.72 -18.64 -4.80
N ASP B 32 23.38 -17.49 -4.86
CA ASP B 32 22.72 -16.22 -4.54
C ASP B 32 22.34 -15.49 -5.82
N SER B 33 21.50 -14.47 -5.68
CA SER B 33 21.05 -13.71 -6.85
C SER B 33 21.62 -12.33 -6.85
N LEU B 34 21.75 -11.77 -8.03
CA LEU B 34 22.28 -10.44 -8.20
C LEU B 34 21.67 -9.93 -9.50
N ILE B 35 21.16 -8.71 -9.45
CA ILE B 35 20.57 -8.07 -10.61
C ILE B 35 21.45 -6.89 -11.04
N TYR B 36 21.87 -6.86 -12.29
CA TYR B 36 22.63 -5.74 -12.78
C TYR B 36 21.65 -4.94 -13.63
N THR B 37 21.23 -3.78 -13.13
CA THR B 37 20.31 -2.96 -13.90
C THR B 37 21.14 -1.89 -14.57
N ILE B 38 20.97 -1.76 -15.87
CA ILE B 38 21.71 -0.79 -16.65
C ILE B 38 20.89 0.49 -16.67
N SER B 39 21.41 1.52 -15.99
CA SER B 39 20.75 2.82 -15.89
C SER B 39 19.89 3.21 -17.07
N TYR B 40 20.45 3.28 -18.27
CA TYR B 40 19.63 3.69 -19.41
C TYR B 40 19.74 2.87 -20.68
N PRO B 41 18.67 2.85 -21.46
CA PRO B 41 18.75 2.07 -22.69
C PRO B 41 19.46 3.07 -23.59
N PRO B 42 20.13 2.60 -24.66
CA PRO B 42 20.83 3.55 -25.54
C PRO B 42 19.92 4.53 -26.25
N GLU B 43 18.64 4.18 -26.41
CA GLU B 43 17.71 5.04 -27.13
C GLU B 43 17.45 6.31 -26.36
N TYR B 44 17.77 6.27 -25.07
CA TYR B 44 17.58 7.39 -24.17
C TYR B 44 18.44 8.58 -24.57
N PHE B 45 19.56 8.32 -25.22
CA PHE B 45 20.47 9.39 -25.62
C PHE B 45 20.40 9.69 -27.12
N LEU B 46 19.41 9.11 -27.79
CA LEU B 46 19.23 9.31 -29.22
C LEU B 46 18.01 10.17 -29.45
N PRO B 47 17.76 10.58 -30.69
CA PRO B 47 16.60 11.42 -31.00
C PRO B 47 15.22 10.85 -30.63
N ASP B 48 14.31 11.74 -30.26
CA ASP B 48 12.92 11.40 -29.96
C ASP B 48 12.65 10.18 -29.07
N PHE B 49 13.14 10.20 -27.83
CA PHE B 49 12.90 9.09 -26.92
C PHE B 49 11.75 9.44 -25.95
N PRO B 50 10.67 8.66 -25.94
CA PRO B 50 9.52 8.90 -25.06
C PRO B 50 9.90 9.26 -23.62
N GLY B 51 10.83 8.50 -23.08
CA GLY B 51 11.28 8.74 -21.72
C GLY B 51 11.05 7.47 -20.93
N LEU B 52 11.70 7.33 -19.78
CA LEU B 52 11.47 6.14 -18.98
C LEU B 52 10.05 6.16 -18.41
N LEU B 53 9.66 5.03 -17.85
CA LEU B 53 8.35 4.87 -17.25
C LEU B 53 8.48 5.25 -15.81
N MET B 54 9.72 5.26 -15.35
CA MET B 54 10.05 5.58 -13.96
C MET B 54 11.53 5.95 -13.83
N THR B 55 11.87 6.50 -12.68
CA THR B 55 13.24 6.89 -12.41
C THR B 55 14.03 5.68 -11.98
N VAL B 56 15.31 5.65 -12.34
CA VAL B 56 16.16 4.55 -11.96
C VAL B 56 15.96 4.24 -10.48
N GLU B 57 15.77 5.30 -9.69
CA GLU B 57 15.58 5.11 -8.26
C GLU B 57 14.36 4.21 -7.99
N SER B 58 13.23 4.51 -8.64
CA SER B 58 12.01 3.73 -8.45
C SER B 58 12.24 2.30 -8.93
N ARG B 59 12.88 2.21 -10.09
CA ARG B 59 13.19 0.92 -10.68
C ARG B 59 14.00 0.06 -9.70
N VAL B 60 15.09 0.63 -9.16
CA VAL B 60 15.92 -0.11 -8.24
C VAL B 60 15.14 -0.50 -6.98
N GLU B 61 14.18 0.34 -6.60
CA GLU B 61 13.33 0.05 -5.46
C GLU B 61 12.57 -1.27 -5.74
N MET B 62 11.95 -1.37 -6.91
CA MET B 62 11.20 -2.58 -7.27
C MET B 62 12.10 -3.79 -7.43
N LEU B 63 13.10 -3.68 -8.32
CA LEU B 63 14.06 -4.77 -8.57
C LEU B 63 14.65 -5.25 -7.26
N SER B 64 14.94 -4.30 -6.37
CA SER B 64 15.54 -4.62 -5.07
C SER B 64 14.71 -5.60 -4.27
N ARG B 65 13.41 -5.58 -4.50
CA ARG B 65 12.57 -6.51 -3.78
C ARG B 65 12.84 -7.94 -4.23
N TYR B 66 13.43 -8.11 -5.42
CA TYR B 66 13.78 -9.45 -5.91
C TYR B 66 15.15 -9.91 -5.39
N ALA B 67 16.14 -9.02 -5.43
CA ALA B 67 17.47 -9.37 -4.97
C ALA B 67 18.43 -8.20 -5.01
N ARG B 68 19.62 -8.42 -4.47
CA ARG B 68 20.65 -7.39 -4.45
C ARG B 68 20.75 -6.84 -5.86
N THR B 69 20.64 -5.53 -5.98
CA THR B 69 20.65 -4.84 -7.25
C THR B 69 21.79 -3.84 -7.31
N VAL B 70 22.47 -3.78 -8.44
CA VAL B 70 23.57 -2.85 -8.63
C VAL B 70 23.31 -2.15 -9.93
N VAL B 71 23.46 -0.83 -9.95
CA VAL B 71 23.23 -0.09 -11.17
C VAL B 71 24.53 -0.01 -11.95
N LEU B 72 24.42 -0.03 -13.26
CA LEU B 72 25.59 0.04 -14.11
C LEU B 72 25.40 1.23 -15.01
N ASP B 73 26.39 2.09 -15.08
CA ASP B 73 26.26 3.26 -15.93
C ASP B 73 26.42 2.83 -17.38
N PHE B 74 25.46 3.22 -18.21
CA PHE B 74 25.49 2.86 -19.61
C PHE B 74 26.77 3.41 -20.23
N PHE B 75 27.10 4.66 -19.93
CA PHE B 75 28.31 5.27 -20.48
C PHE B 75 29.57 4.54 -20.00
N ARG B 76 29.55 4.06 -18.76
CA ARG B 76 30.67 3.32 -18.16
C ARG B 76 30.82 1.89 -18.68
N ILE B 77 29.85 1.39 -19.44
CA ILE B 77 29.96 0.02 -19.94
C ILE B 77 29.73 -0.07 -21.43
N LYS B 78 29.25 0.99 -22.06
CA LYS B 78 29.02 0.94 -23.49
C LYS B 78 30.35 0.98 -24.23
N ASP B 79 31.37 1.48 -23.55
CA ASP B 79 32.70 1.57 -24.13
C ASP B 79 33.57 0.35 -23.83
N LEU B 80 33.23 -0.42 -22.80
CA LEU B 80 33.99 -1.64 -22.49
C LEU B 80 33.79 -2.57 -23.65
N THR B 81 34.62 -3.60 -23.72
CA THR B 81 34.51 -4.60 -24.77
C THR B 81 33.79 -5.74 -24.07
N PRO B 82 33.26 -6.69 -24.83
CA PRO B 82 32.58 -7.78 -24.14
C PRO B 82 33.43 -8.27 -22.98
N GLU B 83 34.64 -8.72 -23.29
CA GLU B 83 35.58 -9.25 -22.29
C GLU B 83 35.66 -8.34 -21.07
N GLY B 84 35.91 -7.06 -21.32
CA GLY B 84 35.99 -6.09 -20.23
C GLY B 84 34.82 -6.24 -19.27
N PHE B 85 33.61 -6.22 -19.82
CA PHE B 85 32.37 -6.36 -19.06
C PHE B 85 32.38 -7.66 -18.23
N VAL B 86 32.62 -8.79 -18.90
CA VAL B 86 32.67 -10.08 -18.19
C VAL B 86 33.80 -10.07 -17.17
N GLU B 87 34.94 -9.50 -17.54
CA GLU B 87 36.07 -9.44 -16.62
C GLU B 87 35.71 -8.54 -15.45
N ARG B 88 34.96 -7.49 -15.75
CA ARG B 88 34.58 -6.55 -14.72
C ARG B 88 33.36 -6.90 -13.86
N TYR B 89 32.38 -7.63 -14.41
CA TYR B 89 31.18 -7.94 -13.64
C TYR B 89 30.74 -9.40 -13.45
N LEU B 90 31.24 -10.32 -14.27
CA LEU B 90 30.78 -11.70 -14.19
C LEU B 90 31.67 -12.79 -13.65
N SER B 91 32.77 -12.44 -13.02
CA SER B 91 33.66 -13.47 -12.52
C SER B 91 32.90 -14.39 -11.55
N GLY B 92 33.22 -15.68 -11.61
CA GLY B 92 32.59 -16.64 -10.72
C GLY B 92 31.08 -16.83 -10.86
N VAL B 93 30.50 -16.25 -11.91
CA VAL B 93 29.07 -16.35 -12.16
C VAL B 93 28.75 -17.48 -13.13
N SER B 94 28.09 -18.52 -12.64
CA SER B 94 27.77 -19.66 -13.49
C SER B 94 26.63 -19.41 -14.46
N ALA B 95 25.69 -18.55 -14.09
CA ALA B 95 24.54 -18.28 -14.97
C ALA B 95 24.02 -16.85 -14.99
N VAL B 96 23.61 -16.44 -16.17
CA VAL B 96 23.05 -15.14 -16.41
C VAL B 96 21.65 -15.36 -17.02
N VAL B 97 20.69 -14.55 -16.61
CA VAL B 97 19.34 -14.64 -17.14
C VAL B 97 19.09 -13.28 -17.75
N VAL B 98 18.68 -13.24 -19.02
CA VAL B 98 18.42 -12.00 -19.71
C VAL B 98 17.24 -12.16 -20.64
N GLY B 99 16.65 -11.04 -21.04
CA GLY B 99 15.53 -11.09 -21.97
C GLY B 99 16.00 -11.40 -23.37
N ARG B 100 15.38 -10.79 -24.37
CA ARG B 100 15.74 -11.00 -25.77
C ARG B 100 16.53 -9.82 -26.37
N ASP B 101 17.38 -10.14 -27.34
CA ASP B 101 18.19 -9.11 -28.00
C ASP B 101 19.17 -8.44 -27.03
N PHE B 102 19.56 -9.16 -25.98
CA PHE B 102 20.48 -8.61 -24.99
C PHE B 102 21.77 -8.17 -25.66
N ARG B 103 22.25 -7.00 -25.28
CA ARG B 103 23.47 -6.48 -25.86
C ARG B 103 24.27 -5.69 -24.83
N PHE B 104 25.58 -5.84 -24.92
CA PHE B 104 26.42 -5.13 -24.01
C PHE B 104 27.76 -4.81 -24.64
N GLY B 105 28.38 -3.75 -24.13
CA GLY B 105 29.68 -3.36 -24.61
C GLY B 105 29.73 -2.45 -25.82
N LYS B 106 30.95 -2.30 -26.33
CA LYS B 106 31.25 -1.47 -27.48
C LYS B 106 30.56 -2.01 -28.74
N ASN B 107 29.90 -1.12 -29.47
CA ASN B 107 29.21 -1.49 -30.70
C ASN B 107 28.26 -2.68 -30.48
N ALA B 108 27.69 -2.76 -29.28
CA ALA B 108 26.75 -3.82 -28.92
C ALA B 108 27.22 -5.17 -29.44
N SER B 109 28.51 -5.43 -29.31
CA SER B 109 29.10 -6.67 -29.78
C SER B 109 29.00 -7.78 -28.74
N GLY B 110 28.57 -7.42 -27.54
CA GLY B 110 28.41 -8.41 -26.50
C GLY B 110 27.00 -8.94 -26.53
N ASN B 111 26.86 -10.26 -26.57
CA ASN B 111 25.55 -10.87 -26.61
C ASN B 111 25.58 -12.11 -25.76
N ALA B 112 24.47 -12.82 -25.72
CA ALA B 112 24.38 -14.03 -24.92
C ALA B 112 25.28 -15.14 -25.46
N SER B 113 25.61 -15.07 -26.75
CA SER B 113 26.46 -16.08 -27.37
C SER B 113 27.81 -15.97 -26.67
N PHE B 114 28.35 -14.76 -26.73
CA PHE B 114 29.65 -14.46 -26.13
C PHE B 114 29.72 -14.93 -24.68
N LEU B 115 28.78 -14.49 -23.85
CA LEU B 115 28.76 -14.88 -22.45
C LEU B 115 28.83 -16.40 -22.26
N ARG B 116 28.14 -17.13 -23.13
CA ARG B 116 28.15 -18.59 -23.03
C ARG B 116 29.55 -19.12 -23.26
N LYS B 117 30.16 -18.67 -24.36
CA LYS B 117 31.51 -19.10 -24.71
C LYS B 117 32.45 -19.00 -23.51
N LYS B 118 32.33 -17.91 -22.77
CA LYS B 118 33.16 -17.68 -21.60
C LYS B 118 32.84 -18.63 -20.45
N GLY B 119 32.11 -19.70 -20.75
CA GLY B 119 31.77 -20.68 -19.73
C GLY B 119 30.56 -20.36 -18.87
N VAL B 120 29.87 -19.26 -19.17
CA VAL B 120 28.69 -18.87 -18.42
C VAL B 120 27.38 -19.21 -19.16
N GLU B 121 26.54 -20.02 -18.54
CA GLU B 121 25.23 -20.37 -19.13
C GLU B 121 24.26 -19.16 -19.16
N VAL B 122 23.69 -18.92 -20.34
CA VAL B 122 22.81 -17.80 -20.51
C VAL B 122 21.41 -18.16 -21.00
N TYR B 123 20.45 -18.06 -20.10
CA TYR B 123 19.06 -18.33 -20.44
C TYR B 123 18.35 -17.08 -20.92
N GLU B 124 18.02 -17.05 -22.20
CA GLU B 124 17.31 -15.92 -22.73
C GLU B 124 15.83 -16.26 -22.56
N ILE B 125 15.05 -15.28 -22.15
CA ILE B 125 13.64 -15.50 -21.88
C ILE B 125 12.77 -14.95 -22.98
N GLU B 126 11.86 -15.77 -23.48
CA GLU B 126 10.96 -15.32 -24.55
C GLU B 126 10.11 -14.21 -24.00
N ASP B 127 9.96 -13.14 -24.76
CA ASP B 127 9.14 -12.05 -24.27
C ASP B 127 7.76 -12.58 -23.89
N VAL B 128 7.09 -11.89 -22.99
CA VAL B 128 5.77 -12.35 -22.61
C VAL B 128 4.81 -11.75 -23.62
N VAL B 129 3.81 -12.52 -24.00
CA VAL B 129 2.86 -12.04 -24.98
C VAL B 129 1.52 -11.84 -24.30
N VAL B 130 0.93 -10.68 -24.57
CA VAL B 130 -0.34 -10.32 -24.00
C VAL B 130 -1.17 -9.75 -25.11
N GLN B 131 -2.32 -10.37 -25.36
CA GLN B 131 -3.21 -9.91 -26.41
C GLN B 131 -2.42 -9.81 -27.71
N GLY B 132 -1.69 -10.88 -28.01
CA GLY B 132 -0.91 -10.96 -29.22
C GLY B 132 0.19 -9.95 -29.43
N LYS B 133 0.63 -9.32 -28.34
CA LYS B 133 1.72 -8.34 -28.39
C LYS B 133 2.76 -8.74 -27.36
N ARG B 134 4.03 -8.52 -27.68
CA ARG B 134 5.09 -8.86 -26.75
C ARG B 134 5.19 -7.70 -25.77
N VAL B 135 5.17 -7.99 -24.47
CA VAL B 135 5.28 -6.94 -23.47
C VAL B 135 6.66 -6.29 -23.57
N SER B 136 6.73 -4.97 -23.49
CA SER B 136 7.99 -4.28 -23.57
C SER B 136 7.90 -2.84 -23.11
N SER B 137 8.91 -2.37 -22.37
CA SER B 137 8.90 -0.99 -21.91
C SER B 137 8.47 -0.03 -22.99
N SER B 138 8.91 -0.27 -24.21
CA SER B 138 8.61 0.60 -25.34
C SER B 138 7.12 0.62 -25.71
N LEU B 139 6.45 -0.51 -25.50
CA LEU B 139 5.03 -0.63 -25.81
C LEU B 139 4.30 0.15 -24.73
N ILE B 140 4.62 -0.17 -23.48
CA ILE B 140 4.01 0.50 -22.36
C ILE B 140 4.20 2.00 -22.47
N ARG B 141 5.39 2.46 -22.85
CA ARG B 141 5.62 3.90 -22.96
C ARG B 141 4.66 4.47 -23.99
N ASN B 142 4.24 3.62 -24.91
CA ASN B 142 3.36 4.01 -25.99
C ASN B 142 1.94 4.18 -25.46
N LEU B 143 1.51 3.27 -24.61
CA LEU B 143 0.19 3.37 -24.05
C LEU B 143 0.09 4.68 -23.30
N VAL B 144 1.06 4.94 -22.42
CA VAL B 144 1.09 6.17 -21.66
C VAL B 144 0.84 7.37 -22.56
N GLN B 145 1.67 7.54 -23.58
CA GLN B 145 1.53 8.67 -24.50
C GLN B 145 0.17 8.75 -25.20
N GLU B 146 -0.47 7.62 -25.45
CA GLU B 146 -1.77 7.63 -26.11
C GLU B 146 -2.88 7.82 -25.11
N GLY B 147 -2.51 7.74 -23.83
CA GLY B 147 -3.44 7.92 -22.74
C GLY B 147 -4.24 6.68 -22.46
N ARG B 148 -3.79 5.56 -23.03
CA ARG B 148 -4.49 4.31 -22.87
C ARG B 148 -4.11 3.65 -21.57
N VAL B 149 -4.24 4.44 -20.51
CA VAL B 149 -3.90 4.02 -19.16
C VAL B 149 -4.67 2.83 -18.63
N GLU B 150 -5.89 2.62 -19.13
CA GLU B 150 -6.67 1.49 -18.66
C GLU B 150 -6.09 0.16 -19.11
N GLU B 151 -5.45 0.19 -20.28
CA GLU B 151 -4.86 -1.00 -20.88
C GLU B 151 -3.52 -1.48 -20.33
N ILE B 152 -2.82 -0.58 -19.63
CA ILE B 152 -1.49 -0.86 -19.11
C ILE B 152 -1.25 -2.01 -18.12
N PRO B 153 -2.09 -2.15 -17.09
CA PRO B 153 -1.85 -3.25 -16.15
C PRO B 153 -1.61 -4.61 -16.80
N ALA B 154 -2.36 -4.89 -17.87
CA ALA B 154 -2.23 -6.16 -18.57
C ALA B 154 -0.77 -6.45 -18.91
N TYR B 155 -0.05 -5.39 -19.28
CA TYR B 155 1.35 -5.48 -19.66
C TYR B 155 2.31 -5.19 -18.51
N LEU B 156 2.17 -3.97 -17.97
CA LEU B 156 3.01 -3.49 -16.89
C LEU B 156 2.94 -4.38 -15.70
N GLY B 157 1.73 -4.82 -15.36
CA GLY B 157 1.56 -5.69 -14.21
C GLY B 157 0.94 -4.94 -13.05
N ARG B 158 0.64 -3.67 -13.30
CA ARG B 158 0.03 -2.79 -12.29
C ARG B 158 -0.30 -1.51 -13.02
N TYR B 159 -0.88 -0.55 -12.33
CA TYR B 159 -1.21 0.71 -13.00
C TYR B 159 0.07 1.54 -13.16
N PHE B 160 0.08 2.35 -14.22
CA PHE B 160 1.18 3.24 -14.51
C PHE B 160 1.19 4.28 -13.40
N GLU B 161 2.36 4.68 -12.95
CA GLU B 161 2.42 5.65 -11.87
C GLU B 161 3.18 6.93 -12.17
N ILE B 162 2.73 7.99 -11.50
CA ILE B 162 3.36 9.29 -11.58
C ILE B 162 3.80 9.51 -10.13
N GLU B 163 5.08 9.76 -9.93
CA GLU B 163 5.62 9.96 -8.60
C GLU B 163 6.43 11.24 -8.57
N GLY B 164 6.57 11.82 -7.39
CA GLY B 164 7.34 13.06 -7.28
C GLY B 164 7.15 13.82 -5.97
N ILE B 165 7.47 15.10 -6.02
CA ILE B 165 7.33 15.98 -4.87
C ILE B 165 6.26 17.03 -5.16
N VAL B 166 5.46 17.36 -4.15
CA VAL B 166 4.43 18.36 -4.35
C VAL B 166 5.08 19.74 -4.38
N HIS B 167 5.35 20.22 -5.61
CA HIS B 167 5.99 21.51 -5.85
C HIS B 167 5.27 22.68 -5.19
N PHE B 178 -9.87 24.72 -6.75
CA PHE B 178 -9.59 24.49 -5.34
C PHE B 178 -8.16 23.95 -5.20
N PRO B 179 -7.78 23.43 -4.02
CA PRO B 179 -6.40 22.93 -3.85
C PRO B 179 -5.94 21.72 -4.70
N THR B 180 -4.91 21.92 -5.51
CA THR B 180 -4.34 20.84 -6.32
C THR B 180 -2.86 20.74 -6.05
N ALA B 181 -2.35 19.51 -6.07
CA ALA B 181 -0.94 19.30 -5.84
C ALA B 181 -0.24 19.23 -7.18
N ASN B 182 0.79 20.05 -7.36
CA ASN B 182 1.57 20.01 -8.59
C ASN B 182 2.67 19.00 -8.32
N ILE B 183 2.78 18.01 -9.18
CA ILE B 183 3.81 17.00 -8.96
C ILE B 183 5.06 17.28 -9.78
N ASP B 184 6.20 17.22 -9.10
CA ASP B 184 7.51 17.41 -9.74
C ASP B 184 8.06 15.98 -9.86
N ARG B 185 8.08 15.42 -11.07
CA ARG B 185 8.56 14.05 -11.25
C ARG B 185 10.07 13.88 -11.11
N GLY B 186 10.81 14.98 -11.20
CA GLY B 186 12.26 14.91 -11.10
C GLY B 186 12.90 15.37 -12.40
N ASN B 187 14.22 15.28 -12.49
CA ASN B 187 14.90 15.74 -13.70
C ASN B 187 15.25 14.66 -14.71
N GLU B 188 14.68 13.47 -14.51
CA GLU B 188 14.88 12.33 -15.38
C GLU B 188 14.03 12.50 -16.64
N LYS B 189 14.31 11.72 -17.67
CA LYS B 189 13.50 11.80 -18.90
C LYS B 189 12.43 10.74 -18.76
N LEU B 190 11.28 11.18 -18.25
CA LEU B 190 10.16 10.29 -17.99
C LEU B 190 9.13 10.46 -19.07
N VAL B 191 8.49 9.36 -19.46
CA VAL B 191 7.50 9.44 -20.52
C VAL B 191 6.27 10.26 -20.07
N ASP B 192 5.77 11.10 -20.97
CA ASP B 192 4.63 11.93 -20.65
C ASP B 192 3.31 11.40 -21.16
N LEU B 193 2.34 11.41 -20.24
CA LEU B 193 0.98 10.97 -20.51
C LEU B 193 0.32 11.87 -21.53
N LYS B 194 -0.70 11.32 -22.17
CA LYS B 194 -1.47 12.11 -23.13
C LYS B 194 -2.06 13.25 -22.33
N ARG B 195 -2.05 14.45 -22.88
CA ARG B 195 -2.63 15.59 -22.18
C ARG B 195 -4.11 15.34 -21.89
N GLY B 196 -4.55 15.66 -20.67
CA GLY B 196 -5.95 15.47 -20.33
C GLY B 196 -6.24 15.32 -18.85
N VAL B 197 -7.42 14.78 -18.55
CA VAL B 197 -7.85 14.57 -17.17
C VAL B 197 -7.86 13.08 -16.90
N TYR B 198 -7.33 12.68 -15.74
CA TYR B 198 -7.27 11.25 -15.38
C TYR B 198 -7.78 10.94 -13.98
N LEU B 199 -8.27 9.73 -13.79
CA LEU B 199 -8.69 9.31 -12.46
C LEU B 199 -7.48 8.61 -11.87
N VAL B 200 -7.06 9.02 -10.68
CA VAL B 200 -5.89 8.44 -10.06
C VAL B 200 -6.13 7.98 -8.64
N ARG B 201 -5.28 7.08 -8.16
CA ARG B 201 -5.37 6.60 -6.81
C ARG B 201 -4.15 7.24 -6.19
N VAL B 202 -4.38 8.21 -5.30
CA VAL B 202 -3.29 8.90 -4.66
C VAL B 202 -2.82 8.12 -3.45
N HIS B 203 -1.51 7.90 -3.40
CA HIS B 203 -0.86 7.16 -2.32
C HIS B 203 -0.07 8.21 -1.54
N LEU B 204 -0.65 8.66 -0.42
CA LEU B 204 -0.05 9.69 0.41
C LEU B 204 1.06 9.19 1.32
N PRO B 205 1.80 10.14 1.93
CA PRO B 205 2.93 9.89 2.83
C PRO B 205 2.65 8.97 4.02
N ASP B 206 1.55 9.25 4.73
CA ASP B 206 1.17 8.45 5.90
C ASP B 206 1.19 6.97 5.53
N GLY B 207 0.23 6.59 4.69
CA GLY B 207 0.06 5.23 4.22
C GLY B 207 -1.36 5.22 3.70
N LYS B 208 -1.94 6.41 3.71
CA LYS B 208 -3.30 6.69 3.31
C LYS B 208 -3.50 6.72 1.80
N LYS B 209 -4.59 6.12 1.34
CA LYS B 209 -4.93 6.10 -0.08
C LYS B 209 -6.21 6.90 -0.32
N LYS B 210 -6.16 7.84 -1.25
CA LYS B 210 -7.31 8.67 -1.57
C LYS B 210 -7.38 8.78 -3.10
N PHE B 211 -8.59 8.80 -3.66
CA PHE B 211 -8.72 8.95 -5.11
C PHE B 211 -8.50 10.42 -5.38
N GLY B 212 -8.34 10.76 -6.65
CA GLY B 212 -8.09 12.15 -6.99
C GLY B 212 -8.32 12.31 -8.46
N VAL B 213 -8.25 13.55 -8.92
CA VAL B 213 -8.47 13.83 -10.32
C VAL B 213 -7.22 14.56 -10.78
N MET B 214 -6.52 13.97 -11.75
CA MET B 214 -5.28 14.59 -12.22
C MET B 214 -5.36 15.23 -13.61
N ASN B 215 -4.64 16.32 -13.78
CA ASN B 215 -4.65 16.99 -15.06
C ASN B 215 -3.26 17.08 -15.64
N VAL B 216 -3.19 16.73 -16.91
CA VAL B 216 -1.97 16.73 -17.71
C VAL B 216 -2.18 17.80 -18.76
N GLY B 217 -1.57 18.97 -18.55
CA GLY B 217 -1.75 20.08 -19.49
C GLY B 217 -0.48 20.61 -20.12
N PHE B 218 -0.64 21.57 -21.03
CA PHE B 218 0.46 22.21 -21.76
C PHE B 218 0.82 21.39 -23.00
N ASN B 227 8.21 21.98 -19.87
CA ASN B 227 7.83 20.59 -19.73
C ASN B 227 6.38 20.45 -19.26
N VAL B 228 5.79 19.29 -19.53
CA VAL B 228 4.40 18.99 -19.15
C VAL B 228 4.16 19.24 -17.66
N LYS B 229 2.94 19.60 -17.31
CA LYS B 229 2.59 19.89 -15.92
C LYS B 229 1.56 18.88 -15.39
N TYR B 230 1.86 18.27 -14.24
CA TYR B 230 0.94 17.31 -13.67
C TYR B 230 0.31 17.87 -12.40
N GLU B 231 -1.02 17.89 -12.36
CA GLU B 231 -1.76 18.42 -11.20
C GLU B 231 -2.79 17.42 -10.72
N VAL B 232 -2.91 17.28 -9.40
CA VAL B 232 -3.91 16.36 -8.89
C VAL B 232 -4.77 16.94 -7.80
N TYR B 233 -6.08 16.91 -8.05
CA TYR B 233 -7.08 17.39 -7.12
C TYR B 233 -7.47 16.19 -6.26
N ILE B 234 -6.97 16.15 -5.02
CA ILE B 234 -7.28 15.02 -4.16
C ILE B 234 -8.66 15.14 -3.53
N LEU B 235 -9.47 14.10 -3.69
CA LEU B 235 -10.82 14.06 -3.14
C LEU B 235 -10.87 13.74 -1.66
N ASP B 236 -11.83 14.33 -0.97
CA ASP B 236 -12.04 14.11 0.46
C ASP B 236 -10.73 14.12 1.25
N PHE B 237 -9.96 15.19 1.07
CA PHE B 237 -8.68 15.33 1.74
C PHE B 237 -8.35 16.80 1.96
N GLU B 238 -7.73 17.11 3.09
CA GLU B 238 -7.32 18.50 3.36
C GLU B 238 -6.03 18.56 4.13
N GLY B 239 -5.12 19.41 3.67
CA GLY B 239 -3.82 19.57 4.31
C GLY B 239 -2.78 19.98 3.29
N ASP B 240 -1.57 20.28 3.74
CA ASP B 240 -0.52 20.65 2.81
C ASP B 240 0.49 19.52 2.63
N LEU B 241 0.97 19.39 1.40
CA LEU B 241 1.90 18.35 1.05
C LEU B 241 3.18 18.88 0.42
N TYR B 242 3.44 20.18 0.59
CA TYR B 242 4.65 20.77 0.03
C TYR B 242 5.87 20.01 0.56
N GLY B 243 6.71 19.52 -0.35
CA GLY B 243 7.89 18.80 0.04
C GLY B 243 7.69 17.31 0.25
N GLN B 244 6.46 16.83 0.19
CA GLN B 244 6.21 15.41 0.40
C GLN B 244 6.00 14.65 -0.91
N ARG B 245 6.30 13.36 -0.91
CA ARG B 245 6.12 12.53 -2.10
C ARG B 245 4.71 11.97 -2.29
N LEU B 246 4.29 11.83 -3.54
CA LEU B 246 2.98 11.28 -3.89
C LEU B 246 3.15 10.28 -5.01
N LYS B 247 2.47 9.15 -4.90
CA LYS B 247 2.53 8.11 -5.92
C LYS B 247 1.12 7.98 -6.45
N LEU B 248 0.92 8.30 -7.72
CA LEU B 248 -0.40 8.25 -8.31
C LEU B 248 -0.64 7.13 -9.31
N GLU B 249 -1.54 6.21 -8.99
CA GLU B 249 -1.86 5.17 -9.94
C GLU B 249 -2.79 5.85 -10.94
N VAL B 250 -2.42 5.87 -12.21
CA VAL B 250 -3.26 6.52 -13.21
C VAL B 250 -4.23 5.46 -13.69
N LEU B 251 -5.45 5.55 -13.13
CA LEU B 251 -6.50 4.58 -13.39
C LEU B 251 -7.24 4.63 -14.70
N LYS B 252 -7.77 5.79 -15.08
CA LYS B 252 -8.56 5.88 -16.31
C LYS B 252 -8.50 7.25 -16.91
N PHE B 253 -8.54 7.33 -18.23
CA PHE B 253 -8.52 8.60 -18.93
C PHE B 253 -9.98 9.02 -18.96
N MET B 254 -10.29 10.21 -18.45
CA MET B 254 -11.67 10.68 -18.42
C MET B 254 -11.99 11.51 -19.65
N ARG B 255 -11.30 12.64 -19.81
CA ARG B 255 -11.56 13.49 -20.97
C ARG B 255 -10.31 14.22 -21.47
N ASP B 256 -10.32 14.60 -22.74
CA ASP B 256 -9.19 15.33 -23.34
C ASP B 256 -9.10 16.72 -22.75
N GLU B 257 -7.88 17.20 -22.55
CA GLU B 257 -7.68 18.54 -22.04
C GLU B 257 -8.43 19.43 -23.02
N LYS B 258 -9.00 20.53 -22.55
CA LYS B 258 -9.71 21.46 -23.43
C LYS B 258 -9.22 22.88 -23.20
N LYS B 259 -9.45 23.74 -24.19
CA LYS B 259 -9.05 25.14 -24.07
C LYS B 259 -10.31 25.90 -23.66
N PHE B 260 -10.20 26.70 -22.60
CA PHE B 260 -11.34 27.46 -22.12
C PHE B 260 -11.14 28.98 -22.30
N ASP B 261 -12.19 29.64 -22.78
CA ASP B 261 -12.16 31.07 -23.02
C ASP B 261 -12.93 31.83 -21.94
N SER B 262 -13.23 31.14 -20.84
CA SER B 262 -13.95 31.74 -19.74
C SER B 262 -13.64 31.03 -18.43
N ILE B 263 -12.95 31.74 -17.54
CA ILE B 263 -12.55 31.22 -16.24
C ILE B 263 -13.59 30.34 -15.54
N GLU B 264 -14.86 30.60 -15.80
CA GLU B 264 -15.92 29.82 -15.16
C GLU B 264 -16.08 28.44 -15.78
N GLU B 265 -16.14 28.39 -17.11
CA GLU B 265 -16.28 27.13 -17.81
C GLU B 265 -15.27 26.09 -17.30
N LEU B 266 -14.12 26.56 -16.86
CA LEU B 266 -13.08 25.68 -16.31
C LEU B 266 -13.54 25.10 -14.98
N LYS B 267 -13.88 25.98 -14.03
CA LYS B 267 -14.35 25.51 -12.73
C LYS B 267 -15.60 24.65 -12.90
N ALA B 268 -16.35 24.92 -13.95
CA ALA B 268 -17.55 24.13 -14.22
C ALA B 268 -17.09 22.71 -14.50
N ALA B 269 -16.15 22.59 -15.43
CA ALA B 269 -15.58 21.31 -15.85
C ALA B 269 -14.85 20.61 -14.70
N ILE B 270 -14.00 21.34 -13.99
CA ILE B 270 -13.30 20.72 -12.88
C ILE B 270 -14.36 20.14 -11.96
N ASP B 271 -15.40 20.92 -11.69
CA ASP B 271 -16.48 20.46 -10.84
C ASP B 271 -17.05 19.20 -11.48
N GLN B 272 -17.20 19.25 -12.79
CA GLN B 272 -17.72 18.10 -13.53
C GLN B 272 -16.84 16.87 -13.23
N ASP B 273 -15.55 16.98 -13.55
CA ASP B 273 -14.60 15.88 -13.36
C ASP B 273 -14.73 15.16 -12.02
N VAL B 274 -14.68 15.89 -10.91
CA VAL B 274 -14.80 15.21 -9.62
C VAL B 274 -16.14 14.50 -9.57
N LYS B 275 -17.17 15.07 -10.21
CA LYS B 275 -18.49 14.46 -10.21
C LYS B 275 -18.41 13.11 -10.91
N SER B 276 -17.87 13.10 -12.13
CA SER B 276 -17.74 11.84 -12.87
C SER B 276 -16.75 10.95 -12.15
N ALA B 277 -15.77 11.55 -11.47
CA ALA B 277 -14.81 10.77 -10.76
C ALA B 277 -15.55 9.92 -9.73
N ARG B 278 -16.36 10.56 -8.90
CA ARG B 278 -17.12 9.89 -7.85
C ARG B 278 -18.04 8.77 -8.34
N ASN B 279 -18.56 8.88 -9.57
CA ASN B 279 -19.42 7.84 -10.14
C ASN B 279 -18.57 6.61 -10.49
N MET B 280 -17.44 6.85 -11.15
CA MET B 280 -16.53 5.78 -11.55
C MET B 280 -15.94 5.11 -10.32
N ILE B 281 -15.66 5.91 -9.29
CA ILE B 281 -15.12 5.38 -8.04
C ILE B 281 -16.14 4.42 -7.45
N ASP B 282 -17.42 4.80 -7.52
CA ASP B 282 -18.47 3.92 -7.01
C ASP B 282 -18.54 2.66 -7.88
N ASP B 283 -18.52 2.86 -9.21
CA ASP B 283 -18.56 1.75 -10.15
C ASP B 283 -17.50 0.69 -9.83
N ILE B 284 -16.27 1.17 -9.62
CA ILE B 284 -15.16 0.28 -9.31
C ILE B 284 -15.43 -0.58 -8.08
N ILE B 285 -15.94 0.05 -7.03
CA ILE B 285 -16.23 -0.64 -5.79
C ILE B 285 -17.36 -1.63 -5.91
N ASN B 286 -18.42 -1.27 -6.62
CA ASN B 286 -19.54 -2.20 -6.75
C ASN B 286 -19.30 -3.31 -7.75
N SER B 287 -18.30 -3.13 -8.61
CA SER B 287 -17.98 -4.14 -9.61
C SER B 287 -17.48 -5.42 -8.94
N LYS B 288 -16.90 -5.30 -7.75
CA LYS B 288 -16.38 -6.45 -7.03
C LYS B 288 -17.46 -7.46 -6.61
N PHE B 289 -18.70 -7.22 -7.04
CA PHE B 289 -19.83 -8.08 -6.74
C PHE B 289 -21.12 -7.65 -7.42
#